data_4HYA
# 
_entry.id   4HYA 
# 
_audit_conform.dict_name       mmcif_pdbx.dic 
_audit_conform.dict_version    5.387 
_audit_conform.dict_location   http://mmcif.pdb.org/dictionaries/ascii/mmcif_pdbx.dic 
# 
loop_
_database_2.database_id 
_database_2.database_code 
_database_2.pdbx_database_accession 
_database_2.pdbx_DOI 
PDB   4HYA         pdb_00004hya 10.2210/pdb4hya/pdb 
WWPDB D_1000179345 ?            ?                   
# 
loop_
_pdbx_audit_revision_history.ordinal 
_pdbx_audit_revision_history.data_content_type 
_pdbx_audit_revision_history.major_revision 
_pdbx_audit_revision_history.minor_revision 
_pdbx_audit_revision_history.revision_date 
1 'Structure model' 1 0 1980-03-28 
2 'Structure model' 1 1 2008-03-21 
3 'Structure model' 1 2 2011-07-13 
4 'Structure model' 2 0 2020-07-29 
5 'Structure model' 2 1 2024-02-28 
# 
loop_
_pdbx_audit_revision_details.ordinal 
_pdbx_audit_revision_details.revision_ordinal 
_pdbx_audit_revision_details.data_content_type 
_pdbx_audit_revision_details.provider 
_pdbx_audit_revision_details.type 
_pdbx_audit_revision_details.description 
_pdbx_audit_revision_details.details 
1 1 'Structure model' repository 'Initial release' ?                          ? 
2 4 'Structure model' repository Remediation       'Carbohydrate remediation' ? 
# 
loop_
_pdbx_audit_revision_group.ordinal 
_pdbx_audit_revision_group.revision_ordinal 
_pdbx_audit_revision_group.data_content_type 
_pdbx_audit_revision_group.group 
1  2 'Structure model' 'Version format compliance' 
2  3 'Structure model' 'Non-polymer description'   
3  3 'Structure model' 'Version format compliance' 
4  4 'Structure model' Advisory                    
5  4 'Structure model' 'Atomic model'              
6  4 'Structure model' 'Data collection'           
7  4 'Structure model' 'Database references'       
8  4 'Structure model' 'Derived calculations'      
9  4 'Structure model' Other                       
10 4 'Structure model' 'Structure summary'         
11 5 'Structure model' 'Data collection'           
12 5 'Structure model' 'Database references'       
13 5 'Structure model' 'Structure summary'         
# 
loop_
_pdbx_audit_revision_category.ordinal 
_pdbx_audit_revision_category.revision_ordinal 
_pdbx_audit_revision_category.data_content_type 
_pdbx_audit_revision_category.category 
1  4 'Structure model' atom_site                     
2  4 'Structure model' chem_comp                     
3  4 'Structure model' database_PDB_caveat           
4  4 'Structure model' entity                        
5  4 'Structure model' pdbx_branch_scheme            
6  4 'Structure model' pdbx_chem_comp_identifier     
7  4 'Structure model' pdbx_database_status          
8  4 'Structure model' pdbx_entity_branch            
9  4 'Structure model' pdbx_entity_branch_descriptor 
10 4 'Structure model' pdbx_entity_branch_link       
11 4 'Structure model' pdbx_entity_branch_list       
12 4 'Structure model' pdbx_entity_nonpoly           
13 4 'Structure model' pdbx_nonpoly_scheme           
14 4 'Structure model' pdbx_struct_assembly          
15 4 'Structure model' pdbx_struct_conn_angle        
16 4 'Structure model' pdbx_struct_oper_list         
17 4 'Structure model' pdbx_struct_special_symmetry  
18 4 'Structure model' pdbx_unobs_or_zero_occ_atoms  
19 4 'Structure model' pdbx_validate_chiral          
20 4 'Structure model' pdbx_validate_symm_contact    
21 4 'Structure model' struct_asym                   
22 4 'Structure model' struct_conn                   
23 4 'Structure model' struct_ref                    
24 4 'Structure model' struct_ref_seq                
25 4 'Structure model' struct_site                   
26 4 'Structure model' struct_site_gen               
27 5 'Structure model' chem_comp                     
28 5 'Structure model' chem_comp_atom                
29 5 'Structure model' chem_comp_bond                
30 5 'Structure model' database_2                    
# 
loop_
_pdbx_audit_revision_item.ordinal 
_pdbx_audit_revision_item.revision_ordinal 
_pdbx_audit_revision_item.data_content_type 
_pdbx_audit_revision_item.item 
1  4 'Structure model' '_atom_site.Cartn_x'                          
2  4 'Structure model' '_atom_site.Cartn_y'                          
3  4 'Structure model' '_atom_site.Cartn_z'                          
4  4 'Structure model' '_atom_site.auth_atom_id'                     
5  4 'Structure model' '_atom_site.auth_comp_id'                     
6  4 'Structure model' '_atom_site.auth_seq_id'                      
7  4 'Structure model' '_atom_site.label_asym_id'                    
8  4 'Structure model' '_atom_site.label_atom_id'                    
9  4 'Structure model' '_atom_site.label_comp_id'                    
10 4 'Structure model' '_atom_site.label_entity_id'                  
11 4 'Structure model' '_atom_site.occupancy'                        
12 4 'Structure model' '_atom_site.type_symbol'                      
13 4 'Structure model' '_chem_comp.name'                             
14 4 'Structure model' '_chem_comp.type'                             
15 4 'Structure model' '_pdbx_database_status.process_site'          
16 4 'Structure model' '_pdbx_struct_conn_angle.ptnr1_auth_comp_id'  
17 4 'Structure model' '_pdbx_struct_conn_angle.ptnr1_auth_seq_id'   
18 4 'Structure model' '_pdbx_struct_conn_angle.ptnr1_label_asym_id' 
19 4 'Structure model' '_pdbx_struct_conn_angle.ptnr1_label_atom_id' 
20 4 'Structure model' '_pdbx_struct_conn_angle.ptnr1_label_comp_id' 
21 4 'Structure model' '_pdbx_struct_conn_angle.ptnr2_label_asym_id' 
22 4 'Structure model' '_pdbx_struct_conn_angle.ptnr3_auth_comp_id'  
23 4 'Structure model' '_pdbx_struct_conn_angle.ptnr3_auth_seq_id'   
24 4 'Structure model' '_pdbx_struct_conn_angle.ptnr3_label_asym_id' 
25 4 'Structure model' '_pdbx_struct_conn_angle.ptnr3_label_atom_id' 
26 4 'Structure model' '_pdbx_struct_conn_angle.ptnr3_label_comp_id' 
27 4 'Structure model' '_pdbx_struct_conn_angle.value'               
28 4 'Structure model' '_pdbx_struct_special_symmetry.label_asym_id' 
29 4 'Structure model' '_pdbx_unobs_or_zero_occ_atoms.auth_seq_id'   
30 4 'Structure model' '_pdbx_unobs_or_zero_occ_atoms.label_seq_id'  
31 4 'Structure model' '_pdbx_validate_chiral.auth_seq_id'           
32 4 'Structure model' '_pdbx_validate_symm_contact.auth_atom_id_1'  
33 4 'Structure model' '_pdbx_validate_symm_contact.auth_atom_id_2'  
34 4 'Structure model' '_pdbx_validate_symm_contact.auth_comp_id_1'  
35 4 'Structure model' '_pdbx_validate_symm_contact.auth_comp_id_2'  
36 4 'Structure model' '_pdbx_validate_symm_contact.site_symmetry_2' 
37 4 'Structure model' '_struct_conn.pdbx_dist_value'                
38 4 'Structure model' '_struct_conn.pdbx_leaving_atom_flag'         
39 4 'Structure model' '_struct_conn.ptnr1_auth_comp_id'             
40 4 'Structure model' '_struct_conn.ptnr1_auth_seq_id'              
41 4 'Structure model' '_struct_conn.ptnr1_label_asym_id'            
42 4 'Structure model' '_struct_conn.ptnr1_label_atom_id'            
43 4 'Structure model' '_struct_conn.ptnr1_label_comp_id'            
44 4 'Structure model' '_struct_conn.ptnr2_auth_comp_id'             
45 4 'Structure model' '_struct_conn.ptnr2_auth_seq_id'              
46 4 'Structure model' '_struct_conn.ptnr2_label_asym_id'            
47 4 'Structure model' '_struct_conn.ptnr2_label_atom_id'            
48 4 'Structure model' '_struct_conn.ptnr2_label_comp_id'            
49 5 'Structure model' '_chem_comp.pdbx_synonyms'                    
50 5 'Structure model' '_database_2.pdbx_DOI'                        
51 5 'Structure model' '_database_2.pdbx_database_accession'         
# 
loop_
_database_PDB_caveat.id 
_database_PDB_caveat.text 
1 'GCU A 1 HAS WRONG CHIRALITY AT ATOM C1' 
2 'GCU A 3 HAS WRONG CHIRALITY AT ATOM C1' 
3 'GCU A 5 HAS WRONG CHIRALITY AT ATOM C1' 
# 
_pdbx_database_status.status_code                     REL 
_pdbx_database_status.entry_id                        4HYA 
_pdbx_database_status.recvd_initial_deposition_date   1977-11-20 
_pdbx_database_status.deposit_site                    ? 
_pdbx_database_status.process_site                    BNL 
_pdbx_database_status.SG_entry                        . 
_pdbx_database_status.status_code_sf                  ? 
_pdbx_database_status.status_code_mr                  ? 
_pdbx_database_status.status_code_cs                  ? 
_pdbx_database_status.methods_development_category    ? 
_pdbx_database_status.pdb_format_compatible           Y 
_pdbx_database_status.status_code_nmr_data            ? 
# 
_audit_author.name           'Arnott, S.' 
_audit_author.pdbx_ordinal   1 
# 
loop_
_citation.id 
_citation.title 
_citation.journal_abbrev 
_citation.journal_volume 
_citation.page_first 
_citation.page_last 
_citation.year 
_citation.journal_id_ASTM 
_citation.country 
_citation.journal_id_ISSN 
_citation.journal_id_CSD 
_citation.book_publisher 
_citation.pdbx_database_id_PubMed 
_citation.pdbx_database_id_DOI 
primary 'Hyaluronic acid: the role of divalent cations in conformation and packing.' J.Mol.Biol.                117 761 784 1977 
JMOBAK UK 0022-2836 0070 ? 609101 '10.1016/0022-2836(77)90068-7' 
1       
;Lals, a Linked-Atom Least-Squares Reciprocal-Space Refinement System Incorporating Stereochemical Restraints to Supplement Sparse Diffraction Data
;
'Acta Crystallogr.,Sect.A' 34  3   ?   1978 ACACEQ DK 0108-7673 0621 ? ?      ?                              
2       
;Hyaluronic Acid, Structure of a Fully Extended 3-Fold Helical Sodium Salt and Comparison with the Less Extended 4-Fold Helical Forms
;
J.Mol.Biol.                99  219 ?   1975 JMOBAK UK 0022-2836 0070 ? ?      ?                              
3       'Hyaluronic Acid, Molecular Conformations and Interactions in Two Sodium Salts' J.Mol.Biol.                95  384 ?   
1975 JMOBAK UK 0022-2836 0070 ? ?      ?                              
# 
loop_
_citation_author.citation_id 
_citation_author.name 
_citation_author.ordinal 
_citation_author.identifier_ORCID 
primary 'Winter, W.T.'   1  ? 
primary 'Arnott, S.'     2  ? 
1       'Smith, P.J.C.'  3  ? 
1       'Arnott, S.'     4  ? 
2       'Winter, W.T.'   5  ? 
2       'Smith, P.J.C.'  6  ? 
2       'Arnott, S.'     7  ? 
3       'Guss, J.M.'     8  ? 
3       'Hukins, D.W.L.' 9  ? 
3       'Smith, P.J.C.'  10 ? 
3       'Winter, W.T.'   11 ? 
3       'Arnott, S.'     12 ? 
3       'Moorhouse, R.'  13 ? 
3       'Rees, D.A.'     14 ? 
# 
loop_
_entity.id 
_entity.type 
_entity.src_method 
_entity.pdbx_description 
_entity.formula_weight 
_entity.pdbx_number_of_molecules 
_entity.pdbx_ec 
_entity.pdbx_mutation 
_entity.pdbx_fragment 
_entity.details 
1 branched    man 
;2-acetamido-2-deoxy-beta-D-glucopyranose-(1-4)-alpha-D-glucopyranuronic acid-(1-3)-2-acetamido-2-deoxy-beta-D-glucopyranose-(1-4)-alpha-D-glucopyranuronic acid-(1-3)-2-acetamido-2-deoxy-beta-D-glucopyranose-(1-4)-alpha-D-glucopyranuronic acid
;
1155.965 1 ? ? ? ? 
2 non-polymer syn 'CALCIUM ION' 40.078   3 ? ? ? ? 
3 water       nat water 18.015   9 ? ? ? ? 
# 
loop_
_pdbx_entity_nonpoly.entity_id 
_pdbx_entity_nonpoly.name 
_pdbx_entity_nonpoly.comp_id 
2 'CALCIUM ION' CA  
3 water         HOH 
# 
_pdbx_entity_branch.entity_id   1 
_pdbx_entity_branch.type        oligosaccharide 
# 
loop_
_pdbx_entity_branch_descriptor.ordinal 
_pdbx_entity_branch_descriptor.entity_id 
_pdbx_entity_branch_descriptor.descriptor 
_pdbx_entity_branch_descriptor.type 
_pdbx_entity_branch_descriptor.program 
_pdbx_entity_branch_descriptor.program_version 
1 1 DGlcpNAcb1-4DGlcpAa1-3DGlcpNAcb1-4DGlcpAa1-3DGlcpNAcb1-4DGlcpAa1-ROH 'Glycam Condensed Sequence' GMML       1.0   
2 1 'WURCS=2.0/2,6,5/[a2122A-1a_1-5][a2122h-1b_1-5_2*NCC/3=O]/1-2-1-2-1-2/a4-b1_b3-c1_c4-d1_d3-e1_e4-f1' WURCS PDB2Glycan 1.1.0 
3 1 
'[][b-D-GlcpA]{[(4+1)][b-D-GlcpNAc]{[(3+1)][b-D-GlcpA]{[(4+1)][b-D-GlcpNAc]{[(3+1)][b-D-GlcpA]{[(4+1)][b-D-3-deoxy-GlcpNAc]{}}}}}}' 
LINUCS                      PDB-CARE   ?     
# 
loop_
_pdbx_entity_branch_link.link_id 
_pdbx_entity_branch_link.entity_id 
_pdbx_entity_branch_link.entity_branch_list_num_1 
_pdbx_entity_branch_link.comp_id_1 
_pdbx_entity_branch_link.atom_id_1 
_pdbx_entity_branch_link.leaving_atom_id_1 
_pdbx_entity_branch_link.entity_branch_list_num_2 
_pdbx_entity_branch_link.comp_id_2 
_pdbx_entity_branch_link.atom_id_2 
_pdbx_entity_branch_link.leaving_atom_id_2 
_pdbx_entity_branch_link.value_order 
_pdbx_entity_branch_link.details 
1 1 2 NAG C1 O1 1 GCU O4 HO4 sing ? 
2 1 3 GCU C1 O1 2 NAG O3 HO3 sing ? 
3 1 4 NAG C1 O1 3 GCU O4 HO4 sing ? 
4 1 5 GCU C1 O1 4 NAG O3 HO3 sing ? 
5 1 6 NAG C1 O1 5 GCU O4 HO4 sing ? 
# 
loop_
_chem_comp.id 
_chem_comp.type 
_chem_comp.mon_nstd_flag 
_chem_comp.name 
_chem_comp.pdbx_synonyms 
_chem_comp.formula 
_chem_comp.formula_weight 
CA  non-polymer                   . 'CALCIUM ION'                            ? 'Ca 2'        40.078  
GCU 'D-saccharide, alpha linking' . 'alpha-D-glucopyranuronic acid'          
'alpha-D-glucuronic acid; D-glucuronic acid; glucuronic acid' 'C6 H10 O7'   194.139 
HOH non-polymer                   . WATER                                    ? 'H2 O'        18.015  
NAG 'D-saccharide, beta linking'  . 2-acetamido-2-deoxy-beta-D-glucopyranose 
;N-acetyl-beta-D-glucosamine; 2-acetamido-2-deoxy-beta-D-glucose; 2-acetamido-2-deoxy-D-glucose; 2-acetamido-2-deoxy-glucose; N-ACETYL-D-GLUCOSAMINE
;
'C8 H15 N O6' 221.208 
# 
loop_
_pdbx_chem_comp_identifier.comp_id 
_pdbx_chem_comp_identifier.type 
_pdbx_chem_comp_identifier.program 
_pdbx_chem_comp_identifier.program_version 
_pdbx_chem_comp_identifier.identifier 
GCU 'CONDENSED IUPAC CARBOHYDRATE SYMBOL' GMML     1.0 DGlcpAa                        
GCU 'COMMON NAME'                         GMML     1.0 'a-D-glucopyranuronic acid'    
GCU 'IUPAC CARBOHYDRATE SYMBOL'           PDB-CARE 1.0 a-D-GlcpA                      
GCU 'SNFG CARBOHYDRATE SYMBOL'            GMML     1.0 GlcA                           
NAG 'CONDENSED IUPAC CARBOHYDRATE SYMBOL' GMML     1.0 DGlcpNAcb                      
NAG 'COMMON NAME'                         GMML     1.0 N-acetyl-b-D-glucopyranosamine 
NAG 'IUPAC CARBOHYDRATE SYMBOL'           PDB-CARE 1.0 b-D-GlcpNAc                    
NAG 'SNFG CARBOHYDRATE SYMBOL'            GMML     1.0 GlcNAc                         
# 
loop_
_pdbx_branch_scheme.asym_id 
_pdbx_branch_scheme.entity_id 
_pdbx_branch_scheme.mon_id 
_pdbx_branch_scheme.num 
_pdbx_branch_scheme.pdb_asym_id 
_pdbx_branch_scheme.pdb_mon_id 
_pdbx_branch_scheme.pdb_seq_num 
_pdbx_branch_scheme.auth_asym_id 
_pdbx_branch_scheme.auth_mon_id 
_pdbx_branch_scheme.auth_seq_num 
_pdbx_branch_scheme.hetero 
A 1 GCU 1 A GCU 1 A GCU 6 n 
A 1 NAG 2 A NAG 2 A NAG 5 n 
A 1 GCU 3 A GCU 3 A GCU 4 n 
A 1 NAG 4 A NAG 4 A NAG 3 n 
A 1 GCU 5 A GCU 5 A GCU 2 n 
A 1 NAG 6 A NAG 6 A NAG 1 n 
# 
loop_
_pdbx_nonpoly_scheme.asym_id 
_pdbx_nonpoly_scheme.entity_id 
_pdbx_nonpoly_scheme.mon_id 
_pdbx_nonpoly_scheme.ndb_seq_num 
_pdbx_nonpoly_scheme.pdb_seq_num 
_pdbx_nonpoly_scheme.auth_seq_num 
_pdbx_nonpoly_scheme.pdb_mon_id 
_pdbx_nonpoly_scheme.auth_mon_id 
_pdbx_nonpoly_scheme.pdb_strand_id 
_pdbx_nonpoly_scheme.pdb_ins_code 
B 2 CA  1 7  7  CA  CA  A . 
C 2 CA  1 8  8  CA  CA  A . 
D 2 CA  1 9  9  CA  CA  A . 
E 3 HOH 1 10 10 HOH HOH A . 
E 3 HOH 2 11 11 HOH HOH A . 
E 3 HOH 3 12 12 HOH HOH A . 
E 3 HOH 4 13 13 HOH HOH A . 
E 3 HOH 5 14 14 HOH HOH A . 
E 3 HOH 6 15 15 HOH HOH A . 
E 3 HOH 7 16 16 HOH HOH A . 
E 3 HOH 8 17 17 HOH HOH A . 
E 3 HOH 9 18 18 HOH HOH A . 
# 
_pdbx_unobs_or_zero_occ_atoms.id               1 
_pdbx_unobs_or_zero_occ_atoms.PDB_model_num    1 
_pdbx_unobs_or_zero_occ_atoms.polymer_flag     N 
_pdbx_unobs_or_zero_occ_atoms.occupancy_flag   1 
_pdbx_unobs_or_zero_occ_atoms.auth_asym_id     A 
_pdbx_unobs_or_zero_occ_atoms.auth_comp_id     NAG 
_pdbx_unobs_or_zero_occ_atoms.auth_seq_id      6 
_pdbx_unobs_or_zero_occ_atoms.PDB_ins_code     ? 
_pdbx_unobs_or_zero_occ_atoms.auth_atom_id     O3 
_pdbx_unobs_or_zero_occ_atoms.label_alt_id     ? 
_pdbx_unobs_or_zero_occ_atoms.label_asym_id    A 
_pdbx_unobs_or_zero_occ_atoms.label_comp_id    NAG 
_pdbx_unobs_or_zero_occ_atoms.label_seq_id     6 
_pdbx_unobs_or_zero_occ_atoms.label_atom_id    O3 
# 
loop_
_software.name 
_software.classification 
_software.version 
_software.citation_id 
_software.pdbx_ordinal 
LINKED-ATOM refinement 'LEAST-SQUARES MODEL-BUILDING PROCEDURE' ? 1 
LALS        refinement .                                        ? 2 
# 
_cell.entry_id           4HYA 
_cell.length_a           20.930 
_cell.length_b           20.930 
_cell.length_c           28.300 
_cell.angle_alpha        90.00 
_cell.angle_beta         90.00 
_cell.angle_gamma        120.00 
_cell.Z_PDB              18 
_cell.pdbx_unique_axis   ? 
_cell.length_a_esd       ? 
_cell.length_b_esd       ? 
_cell.length_c_esd       ? 
_cell.angle_alpha_esd    ? 
_cell.angle_beta_esd     ? 
_cell.angle_gamma_esd    ? 
# 
_symmetry.entry_id                         4HYA 
_symmetry.space_group_name_H-M             'P 32 1 2' 
_symmetry.pdbx_full_space_group_name_H-M   ? 
_symmetry.cell_setting                     ? 
_symmetry.Int_Tables_number                153 
_symmetry.space_group_name_Hall            ? 
# 
_exptl.entry_id          4HYA 
_exptl.method            'FIBER DIFFRACTION' 
_exptl.crystals_number   ? 
# 
_exptl_crystal.id                    1 
_exptl_crystal.density_meas          ? 
_exptl_crystal.density_Matthews      ? 
_exptl_crystal.density_percent_sol   ? 
_exptl_crystal.description           ? 
_exptl_crystal.F_000                 ? 
_exptl_crystal.preparation           ? 
# 
_diffrn.id                     1 
_diffrn.crystal_id             1 
_diffrn.ambient_temp           ? 
_diffrn.ambient_temp_details   ? 
# 
_diffrn_radiation.diffrn_id                        1 
_diffrn_radiation.wavelength_id                    1 
_diffrn_radiation.monochromator                    ? 
_diffrn_radiation.pdbx_monochromatic_or_laue_m_l   ? 
_diffrn_radiation.pdbx_diffrn_protocol             ? 
_diffrn_radiation.pdbx_scattering_type             ? 
# 
_diffrn_radiation_wavelength.id           1 
_diffrn_radiation_wavelength.wavelength   . 
_diffrn_radiation_wavelength.wt           1.0 
# 
_refine.entry_id                                 4HYA 
_refine.ls_number_reflns_obs                     ? 
_refine.ls_number_reflns_all                     ? 
_refine.pdbx_ls_sigma_I                          ? 
_refine.pdbx_ls_sigma_F                          ? 
_refine.pdbx_data_cutoff_high_absF               ? 
_refine.pdbx_data_cutoff_low_absF                ? 
_refine.pdbx_data_cutoff_high_rms_absF           ? 
_refine.ls_d_res_low                             . 
_refine.ls_d_res_high                            3.0 
_refine.ls_percent_reflns_obs                    ? 
_refine.ls_R_factor_obs                          ? 
_refine.ls_R_factor_all                          ? 
_refine.ls_R_factor_R_work                       ? 
_refine.ls_R_factor_R_free                       ? 
_refine.ls_R_factor_R_free_error                 ? 
_refine.ls_R_factor_R_free_error_details         ? 
_refine.ls_percent_reflns_R_free                 ? 
_refine.ls_number_reflns_R_free                  ? 
_refine.ls_number_parameters                     ? 
_refine.ls_number_restraints                     ? 
_refine.occupancy_min                            ? 
_refine.occupancy_max                            ? 
_refine.B_iso_mean                               ? 
_refine.aniso_B[1][1]                            ? 
_refine.aniso_B[2][2]                            ? 
_refine.aniso_B[3][3]                            ? 
_refine.aniso_B[1][2]                            ? 
_refine.aniso_B[1][3]                            ? 
_refine.aniso_B[2][3]                            ? 
_refine.solvent_model_details                    ? 
_refine.solvent_model_param_ksol                 ? 
_refine.solvent_model_param_bsol                 ? 
_refine.pdbx_ls_cross_valid_method               ? 
_refine.details                                  ? 
_refine.pdbx_starting_model                      ? 
_refine.pdbx_method_to_determine_struct          ? 
_refine.pdbx_isotropic_thermal_model             ? 
_refine.pdbx_stereochemistry_target_values       ? 
_refine.pdbx_stereochem_target_val_spec_case     ? 
_refine.pdbx_R_Free_selection_details            ? 
_refine.pdbx_overall_ESU_R                       ? 
_refine.pdbx_overall_ESU_R_Free                  ? 
_refine.overall_SU_ML                            ? 
_refine.overall_SU_B                             ? 
_refine.pdbx_refine_id                           'FIBER DIFFRACTION' 
_refine.pdbx_diffrn_id                           1 
_refine.ls_redundancy_reflns_obs                 ? 
_refine.pdbx_overall_phase_error                 ? 
_refine.B_iso_min                                ? 
_refine.B_iso_max                                ? 
_refine.correlation_coeff_Fo_to_Fc               ? 
_refine.correlation_coeff_Fo_to_Fc_free          ? 
_refine.pdbx_solvent_vdw_probe_radii             ? 
_refine.pdbx_solvent_ion_probe_radii             ? 
_refine.pdbx_solvent_shrinkage_radii             ? 
_refine.overall_SU_R_Cruickshank_DPI             ? 
_refine.overall_SU_R_free                        ? 
_refine.ls_wR_factor_R_free                      ? 
_refine.ls_wR_factor_R_work                      ? 
_refine.overall_FOM_free_R_set                   ? 
_refine.overall_FOM_work_R_set                   ? 
_refine.pdbx_TLS_residual_ADP_flag               ? 
_refine.pdbx_overall_SU_R_free_Cruickshank_DPI   ? 
_refine.pdbx_overall_SU_R_Blow_DPI               ? 
_refine.pdbx_overall_SU_R_free_Blow_DPI          ? 
# 
_refine_hist.pdbx_refine_id                   'FIBER DIFFRACTION' 
_refine_hist.cycle_id                         LAST 
_refine_hist.pdbx_number_atoms_protein        0 
_refine_hist.pdbx_number_atoms_nucleic_acid   0 
_refine_hist.pdbx_number_atoms_ligand         81 
_refine_hist.number_atoms_solvent             9 
_refine_hist.number_atoms_total               90 
_refine_hist.d_res_high                       3.0 
_refine_hist.d_res_low                        . 
# 
_struct.entry_id                  4HYA 
_struct.title                     'HYALURONIC ACID, THE ROLE OF DIVALENT CATIONS IN CONFORMATION AND PACKING' 
_struct.pdbx_model_details        ? 
_struct.pdbx_CASP_flag            ? 
_struct.pdbx_model_type_details   ? 
# 
_struct_keywords.entry_id        4HYA 
_struct_keywords.pdbx_keywords   'TEXTURE OF CONNECTIVE TISSUE' 
_struct_keywords.text            'TEXTURE OF CONNECTIVE TISSUE' 
# 
loop_
_struct_asym.id 
_struct_asym.pdbx_blank_PDB_chainid_flag 
_struct_asym.pdbx_modified 
_struct_asym.entity_id 
_struct_asym.details 
A N N 1 ? 
B N N 2 ? 
C N N 2 ? 
D N N 2 ? 
E N N 3 ? 
# 
_pdbx_struct_assembly.id                   1 
_pdbx_struct_assembly.details              author_defined_assembly 
_pdbx_struct_assembly.method_details       ? 
_pdbx_struct_assembly.oligomeric_details   ? 
_pdbx_struct_assembly.oligomeric_count     ? 
# 
_pdbx_struct_assembly_gen.assembly_id       1 
_pdbx_struct_assembly_gen.oper_expression   1 
_pdbx_struct_assembly_gen.asym_id_list      A,B,C,D,E 
# 
_pdbx_struct_oper_list.id                   1 
_pdbx_struct_oper_list.type                 'identity operation' 
_pdbx_struct_oper_list.name                 1_555 
_pdbx_struct_oper_list.symmetry_operation   x,y,z 
_pdbx_struct_oper_list.matrix[1][1]         1.0000000000 
_pdbx_struct_oper_list.matrix[1][2]         0.0000000000 
_pdbx_struct_oper_list.matrix[1][3]         0.0000000000 
_pdbx_struct_oper_list.vector[1]            0.0000000000 
_pdbx_struct_oper_list.matrix[2][1]         0.0000000000 
_pdbx_struct_oper_list.matrix[2][2]         1.0000000000 
_pdbx_struct_oper_list.matrix[2][3]         0.0000000000 
_pdbx_struct_oper_list.vector[2]            0.0000000000 
_pdbx_struct_oper_list.matrix[3][1]         0.0000000000 
_pdbx_struct_oper_list.matrix[3][2]         0.0000000000 
_pdbx_struct_oper_list.matrix[3][3]         1.0000000000 
_pdbx_struct_oper_list.vector[3]            0.0000000000 
# 
_struct_biol.id        1 
_struct_biol.details   ? 
# 
loop_
_struct_conn.id 
_struct_conn.conn_type_id 
_struct_conn.pdbx_leaving_atom_flag 
_struct_conn.pdbx_PDB_id 
_struct_conn.ptnr1_label_asym_id 
_struct_conn.ptnr1_label_comp_id 
_struct_conn.ptnr1_label_seq_id 
_struct_conn.ptnr1_label_atom_id 
_struct_conn.pdbx_ptnr1_label_alt_id 
_struct_conn.pdbx_ptnr1_PDB_ins_code 
_struct_conn.pdbx_ptnr1_standard_comp_id 
_struct_conn.ptnr1_symmetry 
_struct_conn.ptnr2_label_asym_id 
_struct_conn.ptnr2_label_comp_id 
_struct_conn.ptnr2_label_seq_id 
_struct_conn.ptnr2_label_atom_id 
_struct_conn.pdbx_ptnr2_label_alt_id 
_struct_conn.pdbx_ptnr2_PDB_ins_code 
_struct_conn.ptnr1_auth_asym_id 
_struct_conn.ptnr1_auth_comp_id 
_struct_conn.ptnr1_auth_seq_id 
_struct_conn.ptnr2_auth_asym_id 
_struct_conn.ptnr2_auth_comp_id 
_struct_conn.ptnr2_auth_seq_id 
_struct_conn.ptnr2_symmetry 
_struct_conn.pdbx_ptnr3_label_atom_id 
_struct_conn.pdbx_ptnr3_label_seq_id 
_struct_conn.pdbx_ptnr3_label_comp_id 
_struct_conn.pdbx_ptnr3_label_asym_id 
_struct_conn.pdbx_ptnr3_label_alt_id 
_struct_conn.pdbx_ptnr3_PDB_ins_code 
_struct_conn.details 
_struct_conn.pdbx_dist_value 
_struct_conn.pdbx_value_order 
_struct_conn.pdbx_role 
covale1  covale both ? A GCU . O4  ? ? ? 1_555 A NAG . C1 ? ? A GCU 1 A NAG 2  1_555 ? ? ? ? ? ? ? 1.387 ? ? 
covale2  covale both ? A NAG . O3  ? ? ? 1_555 A GCU . C1 ? ? A NAG 2 A GCU 3  1_555 ? ? ? ? ? ? ? 1.389 ? ? 
covale3  covale both ? A GCU . O4  ? ? ? 1_555 A NAG . C1 ? ? A GCU 3 A NAG 4  1_555 ? ? ? ? ? ? ? 1.386 ? ? 
covale4  covale both ? A NAG . O3  ? ? ? 1_555 A GCU . C1 ? ? A NAG 4 A GCU 5  1_555 ? ? ? ? ? ? ? 1.389 ? ? 
covale5  covale both ? A GCU . O4  ? ? ? 1_555 A NAG . C1 ? ? A GCU 5 A NAG 6  1_555 ? ? ? ? ? ? ? 1.388 ? ? 
metalc1  metalc ?    ? A GCU . O6A ? ? ? 1_555 D CA  . CA ? ? A GCU 1 A CA  9  1_555 ? ? ? ? ? ? ? 2.919 ? ? 
metalc2  metalc ?    ? A GCU . O6A ? ? ? 1_555 C CA  . CA ? ? A GCU 3 A CA  8  1_555 ? ? ? ? ? ? ? 2.511 ? ? 
metalc3  metalc ?    ? A GCU . O6A ? ? ? 1_555 B CA  . CA ? ? A GCU 5 A CA  7  1_555 ? ? ? ? ? ? ? 2.770 ? ? 
metalc4  metalc ?    ? B CA  . CA  ? ? ? 1_555 E HOH . O  ? ? A CA  7 A HOH 10 1_555 ? ? ? ? ? ? ? 2.549 ? ? 
metalc5  metalc ?    ? B CA  . CA  ? ? ? 1_555 E HOH . O  ? ? A CA  7 A HOH 13 1_555 ? ? ? ? ? ? ? 2.510 ? ? 
metalc6  metalc ?    ? B CA  . CA  ? ? ? 1_555 E HOH . O  ? ? A CA  7 A HOH 16 1_555 ? ? ? ? ? ? ? 2.517 ? ? 
metalc7  metalc ?    ? C CA  . CA  ? ? ? 1_555 E HOH . O  ? ? A CA  8 A HOH 11 1_555 ? ? ? ? ? ? ? 2.474 ? ? 
metalc8  metalc ?    ? C CA  . CA  ? ? ? 1_555 E HOH . O  ? ? A CA  8 A HOH 14 1_555 ? ? ? ? ? ? ? 2.570 ? ? 
metalc9  metalc ?    ? C CA  . CA  ? ? ? 1_555 E HOH . O  ? ? A CA  8 A HOH 17 1_555 ? ? ? ? ? ? ? 2.556 ? ? 
metalc10 metalc ?    ? D CA  . CA  ? ? ? 1_555 E HOH . O  ? ? A CA  9 A HOH 12 1_555 ? ? ? ? ? ? ? 2.666 ? ? 
metalc11 metalc ?    ? D CA  . CA  ? ? ? 1_555 E HOH . O  ? ? A CA  9 A HOH 15 1_555 ? ? ? ? ? ? ? 2.436 ? ? 
metalc12 metalc ?    ? D CA  . CA  ? ? ? 1_555 E HOH . O  ? ? A CA  9 A HOH 18 1_555 ? ? ? ? ? ? ? 2.516 ? ? 
# 
loop_
_struct_conn_type.id 
_struct_conn_type.criteria 
_struct_conn_type.reference 
covale ? ? 
metalc ? ? 
# 
loop_
_pdbx_struct_conn_angle.id 
_pdbx_struct_conn_angle.ptnr1_label_atom_id 
_pdbx_struct_conn_angle.ptnr1_label_alt_id 
_pdbx_struct_conn_angle.ptnr1_label_asym_id 
_pdbx_struct_conn_angle.ptnr1_label_comp_id 
_pdbx_struct_conn_angle.ptnr1_label_seq_id 
_pdbx_struct_conn_angle.ptnr1_auth_atom_id 
_pdbx_struct_conn_angle.ptnr1_auth_asym_id 
_pdbx_struct_conn_angle.ptnr1_auth_comp_id 
_pdbx_struct_conn_angle.ptnr1_auth_seq_id 
_pdbx_struct_conn_angle.ptnr1_PDB_ins_code 
_pdbx_struct_conn_angle.ptnr1_symmetry 
_pdbx_struct_conn_angle.ptnr2_label_atom_id 
_pdbx_struct_conn_angle.ptnr2_label_alt_id 
_pdbx_struct_conn_angle.ptnr2_label_asym_id 
_pdbx_struct_conn_angle.ptnr2_label_comp_id 
_pdbx_struct_conn_angle.ptnr2_label_seq_id 
_pdbx_struct_conn_angle.ptnr2_auth_atom_id 
_pdbx_struct_conn_angle.ptnr2_auth_asym_id 
_pdbx_struct_conn_angle.ptnr2_auth_comp_id 
_pdbx_struct_conn_angle.ptnr2_auth_seq_id 
_pdbx_struct_conn_angle.ptnr2_PDB_ins_code 
_pdbx_struct_conn_angle.ptnr2_symmetry 
_pdbx_struct_conn_angle.ptnr3_label_atom_id 
_pdbx_struct_conn_angle.ptnr3_label_alt_id 
_pdbx_struct_conn_angle.ptnr3_label_asym_id 
_pdbx_struct_conn_angle.ptnr3_label_comp_id 
_pdbx_struct_conn_angle.ptnr3_label_seq_id 
_pdbx_struct_conn_angle.ptnr3_auth_atom_id 
_pdbx_struct_conn_angle.ptnr3_auth_asym_id 
_pdbx_struct_conn_angle.ptnr3_auth_comp_id 
_pdbx_struct_conn_angle.ptnr3_auth_seq_id 
_pdbx_struct_conn_angle.ptnr3_PDB_ins_code 
_pdbx_struct_conn_angle.ptnr3_symmetry 
_pdbx_struct_conn_angle.value 
_pdbx_struct_conn_angle.value_esd 
1  O6A ? A GCU . ? A GCU 1  ? 1_555 CA ? D CA . ? A CA 9 ? 1_555 O ? E HOH . ? A HOH 12 ? 1_555 80.7  ? 
2  O6A ? A GCU . ? A GCU 1  ? 1_555 CA ? D CA . ? A CA 9 ? 1_555 O ? E HOH . ? A HOH 15 ? 1_555 57.7  ? 
3  O   ? E HOH . ? A HOH 12 ? 1_555 CA ? D CA . ? A CA 9 ? 1_555 O ? E HOH . ? A HOH 15 ? 1_555 102.4 ? 
4  O6A ? A GCU . ? A GCU 1  ? 1_555 CA ? D CA . ? A CA 9 ? 1_555 O ? E HOH . ? A HOH 18 ? 1_555 55.0  ? 
5  O   ? E HOH . ? A HOH 12 ? 1_555 CA ? D CA . ? A CA 9 ? 1_555 O ? E HOH . ? A HOH 18 ? 1_555 74.7  ? 
6  O   ? E HOH . ? A HOH 15 ? 1_555 CA ? D CA . ? A CA 9 ? 1_555 O ? E HOH . ? A HOH 18 ? 1_555 112.1 ? 
7  O6A ? A GCU . ? A GCU 3  ? 1_555 CA ? C CA . ? A CA 8 ? 1_555 O ? E HOH . ? A HOH 11 ? 1_555 77.4  ? 
8  O6A ? A GCU . ? A GCU 3  ? 1_555 CA ? C CA . ? A CA 8 ? 1_555 O ? E HOH . ? A HOH 14 ? 1_555 68.9  ? 
9  O   ? E HOH . ? A HOH 11 ? 1_555 CA ? C CA . ? A CA 8 ? 1_555 O ? E HOH . ? A HOH 14 ? 1_555 106.4 ? 
10 O6A ? A GCU . ? A GCU 3  ? 1_555 CA ? C CA . ? A CA 8 ? 1_555 O ? E HOH . ? A HOH 17 ? 1_555 74.7  ? 
11 O   ? E HOH . ? A HOH 11 ? 1_555 CA ? C CA . ? A CA 8 ? 1_555 O ? E HOH . ? A HOH 17 ? 1_555 118.6 ? 
12 O   ? E HOH . ? A HOH 14 ? 1_555 CA ? C CA . ? A CA 8 ? 1_555 O ? E HOH . ? A HOH 17 ? 1_555 112.3 ? 
13 O6A ? A GCU . ? A GCU 5  ? 1_555 CA ? B CA . ? A CA 7 ? 1_555 O ? E HOH . ? A HOH 10 ? 1_555 61.6  ? 
14 O6A ? A GCU . ? A GCU 5  ? 1_555 CA ? B CA . ? A CA 7 ? 1_555 O ? E HOH . ? A HOH 13 ? 1_555 117.0 ? 
15 O   ? E HOH . ? A HOH 10 ? 1_555 CA ? B CA . ? A CA 7 ? 1_555 O ? E HOH . ? A HOH 13 ? 1_555 171.5 ? 
16 O6A ? A GCU . ? A GCU 5  ? 1_555 CA ? B CA . ? A CA 7 ? 1_555 O ? E HOH . ? A HOH 16 ? 1_555 88.5  ? 
17 O   ? E HOH . ? A HOH 10 ? 1_555 CA ? B CA . ? A CA 7 ? 1_555 O ? E HOH . ? A HOH 16 ? 1_555 61.2  ? 
18 O   ? E HOH . ? A HOH 13 ? 1_555 CA ? B CA . ? A CA 7 ? 1_555 O ? E HOH . ? A HOH 16 ? 1_555 127.2 ? 
# 
_pdbx_validate_symm_contact.id                1 
_pdbx_validate_symm_contact.PDB_model_num     1 
_pdbx_validate_symm_contact.auth_atom_id_1    O1 
_pdbx_validate_symm_contact.auth_asym_id_1    A 
_pdbx_validate_symm_contact.auth_comp_id_1    GCU 
_pdbx_validate_symm_contact.auth_seq_id_1     1 
_pdbx_validate_symm_contact.PDB_ins_code_1    ? 
_pdbx_validate_symm_contact.label_alt_id_1    ? 
_pdbx_validate_symm_contact.site_symmetry_1   1_555 
_pdbx_validate_symm_contact.auth_atom_id_2    C3 
_pdbx_validate_symm_contact.auth_asym_id_2    A 
_pdbx_validate_symm_contact.auth_comp_id_2    NAG 
_pdbx_validate_symm_contact.auth_seq_id_2     6 
_pdbx_validate_symm_contact.PDB_ins_code_2    ? 
_pdbx_validate_symm_contact.label_alt_id_2    ? 
_pdbx_validate_symm_contact.site_symmetry_2   1_554 
_pdbx_validate_symm_contact.dist              1.43 
# 
loop_
_pdbx_validate_chiral.id 
_pdbx_validate_chiral.PDB_model_num 
_pdbx_validate_chiral.auth_atom_id 
_pdbx_validate_chiral.label_alt_id 
_pdbx_validate_chiral.auth_asym_id 
_pdbx_validate_chiral.auth_comp_id 
_pdbx_validate_chiral.auth_seq_id 
_pdbx_validate_chiral.PDB_ins_code 
_pdbx_validate_chiral.details 
_pdbx_validate_chiral.omega 
1 1 C1 ? A GCU 1 ? 'WRONG HAND' . 
2 1 C1 ? A GCU 3 ? 'WRONG HAND' . 
3 1 C1 ? A GCU 5 ? 'WRONG HAND' . 
# 
loop_
_pdbx_struct_special_symmetry.id 
_pdbx_struct_special_symmetry.PDB_model_num 
_pdbx_struct_special_symmetry.auth_asym_id 
_pdbx_struct_special_symmetry.auth_comp_id 
_pdbx_struct_special_symmetry.auth_seq_id 
_pdbx_struct_special_symmetry.PDB_ins_code 
_pdbx_struct_special_symmetry.label_asym_id 
_pdbx_struct_special_symmetry.label_comp_id 
_pdbx_struct_special_symmetry.label_seq_id 
1 1 A CA 7 ? B CA . 
2 1 A CA 8 ? C CA . 
3 1 A CA 9 ? D CA . 
# 
loop_
_chem_comp_atom.comp_id 
_chem_comp_atom.atom_id 
_chem_comp_atom.type_symbol 
_chem_comp_atom.pdbx_aromatic_flag 
_chem_comp_atom.pdbx_stereo_config 
_chem_comp_atom.pdbx_ordinal 
CA  CA   CA N N 1  
GCU C1   C  N S 2  
GCU C2   C  N R 3  
GCU C3   C  N S 4  
GCU C4   C  N S 5  
GCU C5   C  N S 6  
GCU C6   C  N N 7  
GCU O1   O  N N 8  
GCU O2   O  N N 9  
GCU O3   O  N N 10 
GCU O4   O  N N 11 
GCU O5   O  N N 12 
GCU O6A  O  N N 13 
GCU O6B  O  N N 14 
GCU H1   H  N N 15 
GCU H2   H  N N 16 
GCU H3   H  N N 17 
GCU H4   H  N N 18 
GCU H5   H  N N 19 
GCU HO1  H  N N 20 
GCU HO2  H  N N 21 
GCU HO3  H  N N 22 
GCU HO4  H  N N 23 
GCU HO6B H  N N 24 
HOH O    O  N N 25 
HOH H1   H  N N 26 
HOH H2   H  N N 27 
NAG C1   C  N R 28 
NAG C2   C  N R 29 
NAG C3   C  N R 30 
NAG C4   C  N S 31 
NAG C5   C  N R 32 
NAG C6   C  N N 33 
NAG C7   C  N N 34 
NAG C8   C  N N 35 
NAG N2   N  N N 36 
NAG O1   O  N N 37 
NAG O3   O  N N 38 
NAG O4   O  N N 39 
NAG O5   O  N N 40 
NAG O6   O  N N 41 
NAG O7   O  N N 42 
NAG H1   H  N N 43 
NAG H2   H  N N 44 
NAG H3   H  N N 45 
NAG H4   H  N N 46 
NAG H5   H  N N 47 
NAG H61  H  N N 48 
NAG H62  H  N N 49 
NAG H81  H  N N 50 
NAG H82  H  N N 51 
NAG H83  H  N N 52 
NAG HN2  H  N N 53 
NAG HO1  H  N N 54 
NAG HO3  H  N N 55 
NAG HO4  H  N N 56 
NAG HO6  H  N N 57 
# 
loop_
_chem_comp_bond.comp_id 
_chem_comp_bond.atom_id_1 
_chem_comp_bond.atom_id_2 
_chem_comp_bond.value_order 
_chem_comp_bond.pdbx_aromatic_flag 
_chem_comp_bond.pdbx_stereo_config 
_chem_comp_bond.pdbx_ordinal 
GCU C1  C2   sing N N 1  
GCU C1  O1   sing N N 2  
GCU C1  O5   sing N N 3  
GCU C1  H1   sing N N 4  
GCU C2  C3   sing N N 5  
GCU C2  O2   sing N N 6  
GCU C2  H2   sing N N 7  
GCU C3  C4   sing N N 8  
GCU C3  O3   sing N N 9  
GCU C3  H3   sing N N 10 
GCU C4  C5   sing N N 11 
GCU C4  O4   sing N N 12 
GCU C4  H4   sing N N 13 
GCU C5  C6   sing N N 14 
GCU C5  O5   sing N N 15 
GCU C5  H5   sing N N 16 
GCU C6  O6A  doub N N 17 
GCU C6  O6B  sing N N 18 
GCU O1  HO1  sing N N 19 
GCU O2  HO2  sing N N 20 
GCU O3  HO3  sing N N 21 
GCU O4  HO4  sing N N 22 
GCU O6B HO6B sing N N 23 
HOH O   H1   sing N N 24 
HOH O   H2   sing N N 25 
NAG C1  C2   sing N N 26 
NAG C1  O1   sing N N 27 
NAG C1  O5   sing N N 28 
NAG C1  H1   sing N N 29 
NAG C2  C3   sing N N 30 
NAG C2  N2   sing N N 31 
NAG C2  H2   sing N N 32 
NAG C3  C4   sing N N 33 
NAG C3  O3   sing N N 34 
NAG C3  H3   sing N N 35 
NAG C4  C5   sing N N 36 
NAG C4  O4   sing N N 37 
NAG C4  H4   sing N N 38 
NAG C5  C6   sing N N 39 
NAG C5  O5   sing N N 40 
NAG C5  H5   sing N N 41 
NAG C6  O6   sing N N 42 
NAG C6  H61  sing N N 43 
NAG C6  H62  sing N N 44 
NAG C7  C8   sing N N 45 
NAG C7  N2   sing N N 46 
NAG C7  O7   doub N N 47 
NAG C8  H81  sing N N 48 
NAG C8  H82  sing N N 49 
NAG C8  H83  sing N N 50 
NAG N2  HN2  sing N N 51 
NAG O1  HO1  sing N N 52 
NAG O3  HO3  sing N N 53 
NAG O4  HO4  sing N N 54 
NAG O6  HO6  sing N N 55 
# 
loop_
_pdbx_entity_branch_list.entity_id 
_pdbx_entity_branch_list.comp_id 
_pdbx_entity_branch_list.num 
_pdbx_entity_branch_list.hetero 
1 GCU 1 n 
1 NAG 2 n 
1 GCU 3 n 
1 NAG 4 n 
1 GCU 5 n 
1 NAG 6 n 
# 
_atom_sites.entry_id                    4HYA 
_atom_sites.fract_transf_matrix[1][1]   -0.05004736 
_atom_sites.fract_transf_matrix[1][2]   -0.02314001 
_atom_sites.fract_transf_matrix[1][3]   0.00186304 
_atom_sites.fract_transf_matrix[2][1]   -0.03471475 
_atom_sites.fract_transf_matrix[2][2]   0.01261314 
_atom_sites.fract_transf_matrix[2][3]   0.04098199 
_atom_sites.fract_transf_matrix[3][1]   -0.01302787 
_atom_sites.fract_transf_matrix[3][2]   0.02662844 
_atom_sites.fract_transf_matrix[3][3]   -0.01923107 
_atom_sites.fract_transf_vector[1]      0.671166 
_atom_sites.fract_transf_vector[2]      0.660998 
_atom_sites.fract_transf_vector[3]      0.160566 
# 
loop_
_atom_type.symbol 
C  
CA 
H  
N  
O  
# 
loop_
_atom_site.group_PDB 
_atom_site.id 
_atom_site.type_symbol 
_atom_site.label_atom_id 
_atom_site.label_alt_id 
_atom_site.label_comp_id 
_atom_site.label_asym_id 
_atom_site.label_entity_id 
_atom_site.label_seq_id 
_atom_site.pdbx_PDB_ins_code 
_atom_site.Cartn_x 
_atom_site.Cartn_y 
_atom_site.Cartn_z 
_atom_site.occupancy 
_atom_site.B_iso_or_equiv 
_atom_site.pdbx_formal_charge 
_atom_site.auth_seq_id 
_atom_site.auth_comp_id 
_atom_site.auth_asym_id 
_atom_site.auth_atom_id 
_atom_site.pdbx_PDB_model_num 
HETATM 1   C  C1  . GCU A 1 . ? 3.761  -9.767  8.252  1.00 0.00 ? 1  GCU A C1  1 
HETATM 2   C  C2  . GCU A 1 . ? 2.719  -8.705  8.582  1.00 0.00 ? 1  GCU A C2  1 
HETATM 3   C  C3  . GCU A 1 . ? 1.852  -8.414  7.368  1.00 0.00 ? 1  GCU A C3  1 
HETATM 4   C  C4  . GCU A 1 . ? 2.722  -8.068  6.166  1.00 0.00 ? 1  GCU A C4  1 
HETATM 5   C  C5  . GCU A 1 . ? 3.778  -9.149  5.955  1.00 0.00 ? 1  GCU A C5  1 
HETATM 6   C  C6  . GCU A 1 . ? 4.748  -8.809  4.844  1.00 0.00 ? 1  GCU A C6  1 
HETATM 7   O  O1  . GCU A 1 . ? 4.609  -9.904  9.344  1.00 0.00 ? 1  GCU A O1  1 
HETATM 8   O  O2  . GCU A 1 . ? 1.924  -9.149  9.676  1.00 0.00 ? 1  GCU A O2  1 
HETATM 9   O  O3  . GCU A 1 . ? 0.975  -7.323  7.658  1.00 0.00 ? 1  GCU A O3  1 
HETATM 10  O  O4  . GCU A 1 . ? 1.926  -7.970  4.988  1.00 0.00 ? 1  GCU A O4  1 
HETATM 11  O  O5  . GCU A 1 . ? 4.554  -9.323  7.149  1.00 0.00 ? 1  GCU A O5  1 
HETATM 12  O  O6A . GCU A 1 . ? 5.397  -9.777  4.394  1.00 0.00 ? 1  GCU A O6A 1 
HETATM 13  O  O6B . GCU A 1 . ? 4.777  -7.601  4.520  1.00 0.00 ? 1  GCU A O6B 1 
HETATM 14  H  H1  . GCU A 1 . ? 3.254  -10.707 7.985  1.00 0.00 ? 1  GCU A H1  1 
HETATM 15  H  H2  . GCU A 1 . ? 3.224  -7.783  8.903  1.00 0.00 ? 1  GCU A H2  1 
HETATM 16  H  H3  . GCU A 1 . ? 1.238  -9.295  7.135  1.00 0.00 ? 1  GCU A H3  1 
HETATM 17  H  H4  . GCU A 1 . ? 3.216  -7.101  6.338  1.00 0.00 ? 1  GCU A H4  1 
HETATM 18  H  H5  . GCU A 1 . ? 3.284  -10.098 5.694  1.00 0.00 ? 1  GCU A H5  1 
HETATM 19  C  C1  . NAG A 1 . ? 1.394  -6.722  4.702  1.00 0.00 ? 2  NAG A C1  1 
HETATM 20  C  C2  . NAG A 1 . ? 1.364  -6.545  3.187  1.00 0.00 ? 2  NAG A C2  1 
HETATM 21  C  C3  . NAG A 1 . ? 0.657  -5.253  2.815  1.00 0.00 ? 2  NAG A C3  1 
HETATM 22  C  C4  . NAG A 1 . ? -0.719 -5.195  3.467  1.00 0.00 ? 2  NAG A C4  1 
HETATM 23  C  C5  . NAG A 1 . ? -0.601 -5.449  4.965  1.00 0.00 ? 2  NAG A C5  1 
HETATM 24  C  C6  . NAG A 1 . ? -1.946 -5.519  5.655  1.00 0.00 ? 2  NAG A C6  1 
HETATM 25  C  C7  . NAG A 1 . ? 3.038  -7.320  1.555  1.00 0.00 ? 2  NAG A C7  1 
HETATM 26  C  C8  . NAG A 1 . ? 4.486  -7.236  1.135  1.00 0.00 ? 2  NAG A C8  1 
HETATM 27  N  N2  . NAG A 1 . ? 2.748  -6.556  2.667  1.00 0.00 ? 2  NAG A N2  1 
HETATM 28  O  O3  . NAG A 1 . ? 0.518  -5.175  1.395  1.00 0.00 ? 2  NAG A O3  1 
HETATM 29  O  O4  . NAG A 1 . ? -1.309 -3.911  3.269  1.00 0.00 ? 2  NAG A O4  1 
HETATM 30  O  O5  . NAG A 1 . ? 0.056  -6.705  5.205  1.00 0.00 ? 2  NAG A O5  1 
HETATM 31  O  O6  . NAG A 1 . ? -2.026 -6.626  6.553  1.00 0.00 ? 2  NAG A O6  1 
HETATM 32  O  O7  . NAG A 1 . ? 2.210  -7.996  0.970  1.00 0.00 ? 2  NAG A O7  1 
HETATM 33  H  H1  . NAG A 1 . ? 1.975  -5.921  5.120  1.00 0.00 ? 2  NAG A H1  1 
HETATM 34  H  H2  . NAG A 1 . ? 0.839  -7.396  2.728  1.00 0.00 ? 2  NAG A H2  1 
HETATM 35  H  H3  . NAG A 1 . ? 1.257  -4.394  3.150  1.00 0.00 ? 2  NAG A H3  1 
HETATM 36  H  H4  . NAG A 1 . ? -1.372 -5.957  3.016  1.00 0.00 ? 2  NAG A H4  1 
HETATM 37  H  H5  . NAG A 1 . ? -0.022 -4.637  5.432  1.00 0.00 ? 2  NAG A H5  1 
HETATM 38  H  H61 . NAG A 1 . ? -2.739 -5.628  4.903  1.00 0.00 ? 2  NAG A H61 1 
HETATM 39  H  H62 . NAG A 1 . ? -2.112 -4.595  6.231  1.00 0.00 ? 2  NAG A H62 1 
HETATM 40  H  H81 . NAG A 1 . ? 4.631  -6.361  0.487  1.00 0.00 ? 2  NAG A H81 1 
HETATM 41  H  H82 . NAG A 1 . ? 5.121  -7.142  2.027  1.00 0.00 ? 2  NAG A H82 1 
HETATM 42  H  H83 . NAG A 1 . ? 4.763  -8.147  0.586  1.00 0.00 ? 2  NAG A H83 1 
HETATM 43  H  HN2 . NAG A 1 . ? 3.421  -6.042  3.099  1.00 0.00 ? 2  NAG A HN2 1 
HETATM 44  C  C1  . GCU A 1 . ? 1.024  -4.035  0.785  1.00 0.00 ? 3  GCU A C1  1 
HETATM 45  C  C2  . GCU A 1 . ? 0.070  -3.618  -0.328 1.00 0.00 ? 3  GCU A C2  1 
HETATM 46  C  C3  . GCU A 1 . ? 0.503  -2.294  -0.934 1.00 0.00 ? 3  GCU A C3  1 
HETATM 47  C  C4  . GCU A 1 . ? 0.673  -1.243  0.156  1.00 0.00 ? 3  GCU A C4  1 
HETATM 48  C  C5  . GCU A 1 . ? 1.588  -1.771  1.259  1.00 0.00 ? 3  GCU A C5  1 
HETATM 49  C  C6  . GCU A 1 . ? 1.707  -0.817  2.427  1.00 0.00 ? 3  GCU A C6  1 
HETATM 50  O  O2  . GCU A 1 . ? 0.029  -4.638  -1.317 1.00 0.00 ? 3  GCU A O2  1 
HETATM 51  O  O3  . GCU A 1 . ? -0.477 -1.853  -1.876 1.00 0.00 ? 3  GCU A O3  1 
HETATM 52  O  O4  . GCU A 1 . ? 1.251  -0.054  -0.383 1.00 0.00 ? 3  GCU A O4  1 
HETATM 53  O  O5  . GCU A 1 . ? 1.071  -3.006  1.777  1.00 0.00 ? 3  GCU A O5  1 
HETATM 54  O  O6A . GCU A 1 . ? 2.805  -0.845  3.023  1.00 0.00 ? 3  GCU A O6A 1 
HETATM 55  O  O6B . GCU A 1 . ? 0.690  -0.122  2.648  1.00 0.00 ? 3  GCU A O6B 1 
HETATM 56  H  H1  . GCU A 1 . ? 2.031  -4.187  0.366  1.00 0.00 ? 3  GCU A H1  1 
HETATM 57  H  H2  . GCU A 1 . ? -0.948 -3.521  0.081  1.00 0.00 ? 3  GCU A H2  1 
HETATM 58  H  H3  . GCU A 1 . ? 1.457  -2.426  -1.467 1.00 0.00 ? 3  GCU A H3  1 
HETATM 59  H  H4  . GCU A 1 . ? -0.309 -0.994  0.584  1.00 0.00 ? 3  GCU A H4  1 
HETATM 60  H  H5  . GCU A 1 . ? 2.597  -1.936  0.851  1.00 0.00 ? 3  GCU A H5  1 
HETATM 61  C  C1  . NAG A 1 . ? 0.555  0.559   -1.414 1.00 0.00 ? 4  NAG A C1  1 
HETATM 62  C  C2  . NAG A 1 . ? 0.670  2.068   -1.243 1.00 0.00 ? 4  NAG A C2  1 
HETATM 63  C  C3  . NAG A 1 . ? 0.046  2.789   -2.427 1.00 0.00 ? 4  NAG A C3  1 
HETATM 64  C  C4  . NAG A 1 . ? 0.635  2.273   -3.733 1.00 0.00 ? 4  NAG A C4  1 
HETATM 65  C  C5  . NAG A 1 . ? 0.541  0.750   -3.786 1.00 0.00 ? 4  NAG A C5  1 
HETATM 66  C  C6  . NAG A 1 . ? 1.215  0.166   -5.010 1.00 0.00 ? 4  NAG A C6  1 
HETATM 67  C  C7  . NAG A 1 . ? 0.756  3.123   0.980  1.00 0.00 ? 4  NAG A C7  1 
HETATM 68  C  C8  . NAG A 1 . ? -0.040 3.469   2.217  1.00 0.00 ? 4  NAG A C8  1 
HETATM 69  N  N2  . NAG A 1 . ? 0.012  2.466   0.020  1.00 0.00 ? 4  NAG A N2  1 
HETATM 70  O  O3  . NAG A 1 . ? 0.285  4.193   -2.314 1.00 0.00 ? 4  NAG A O3  1 
HETATM 71  O  O4  . NAG A 1 . ? -0.071 2.813   -4.847 1.00 0.00 ? 4  NAG A O4  1 
HETATM 72  O  O5  . NAG A 1 . ? 1.184  0.173   -2.639 1.00 0.00 ? 4  NAG A O5  1 
HETATM 73  O  O6  . NAG A 1 . ? 0.280  -0.488  -5.868 1.00 0.00 ? 4  NAG A O6  1 
HETATM 74  O  O7  . NAG A 1 . ? 1.937  3.397   0.847  1.00 0.00 ? 4  NAG A O7  1 
HETATM 75  H  H1  . NAG A 1 . ? -0.507 0.270   -1.442 1.00 0.00 ? 4  NAG A H1  1 
HETATM 76  H  H2  . NAG A 1 . ? 1.731  2.346   -1.160 1.00 0.00 ? 4  NAG A H2  1 
HETATM 77  H  H3  . NAG A 1 . ? -1.043 2.624   -2.428 1.00 0.00 ? 4  NAG A H3  1 
HETATM 78  H  H4  . NAG A 1 . ? 1.692  2.576   -3.804 1.00 0.00 ? 4  NAG A H4  1 
HETATM 79  H  H5  . NAG A 1 . ? -0.518 0.449   -3.809 1.00 0.00 ? 4  NAG A H5  1 
HETATM 80  H  H61 . NAG A 1 . ? 1.971  -0.570  -4.695 1.00 0.00 ? 4  NAG A H61 1 
HETATM 81  H  H62 . NAG A 1 . ? 1.702  0.972   -5.580 1.00 0.00 ? 4  NAG A H62 1 
HETATM 82  H  H81 . NAG A 1 . ? -0.561 4.428   2.062  1.00 0.00 ? 4  NAG A H81 1 
HETATM 83  H  H82 . NAG A 1 . ? -0.777 2.677   2.412  1.00 0.00 ? 4  NAG A H82 1 
HETATM 84  H  H83 . NAG A 1 . ? 0.639  3.558   3.077  1.00 0.00 ? 4  NAG A H83 1 
HETATM 85  H  HN2 . NAG A 1 . ? -0.905 2.271   0.162  1.00 0.00 ? 4  NAG A HN2 1 
HETATM 86  C  C1  . GCU A 1 . ? -0.822 5.023   -2.444 1.00 0.00 ? 5  GCU A C1  1 
HETATM 87  C  C2  . GCU A 1 . ? -0.342 6.469   -2.452 1.00 0.00 ? 5  GCU A C2  1 
HETATM 88  C  C3  . GCU A 1 . ? -1.499 7.414   -2.736 1.00 0.00 ? 5  GCU A C3  1 
HETATM 89  C  C4  . GCU A 1 . ? -2.216 7.001   -4.012 1.00 0.00 ? 5  GCU A C4  1 
HETATM 90  C  C5  . GCU A 1 . ? -2.590 5.502   -3.981 1.00 0.00 ? 5  GCU A C5  1 
HETATM 91  C  C6  . GCU A 1 . ? -3.214 5.020   -5.234 1.00 0.00 ? 5  GCU A C6  1 
HETATM 92  O  O2  . GCU A 1 . ? 0.260  6.769   -1.194 1.00 0.00 ? 5  GCU A O2  1 
HETATM 93  O  O3  . GCU A 1 . ? -1.003 8.749   -2.871 1.00 0.00 ? 5  GCU A O3  1 
HETATM 94  O  O4  . GCU A 1 . ? -3.405 7.769   -4.186 1.00 0.00 ? 5  GCU A O4  1 
HETATM 95  O  O5  . GCU A 1 . ? -1.431 4.723   -3.703 1.00 0.00 ? 5  GCU A O5  1 
HETATM 96  O  O6A . GCU A 1 . ? -4.114 4.166   -5.092 1.00 0.00 ? 5  GCU A O6A 1 
HETATM 97  O  O6B . GCU A 1 . ? -2.745 5.528   -6.276 1.00 0.00 ? 5  GCU A O6B 1 
HETATM 98  H  H1  . GCU A 1 . ? -1.557 4.884   -1.639 1.00 0.00 ? 5  GCU A H1  1 
HETATM 99  H  H2  . GCU A 1 . ? 0.434  6.595   -3.218 1.00 0.00 ? 5  GCU A H2  1 
HETATM 100 H  H3  . GCU A 1 . ? -2.205 7.394   -1.894 1.00 0.00 ? 5  GCU A H3  1 
HETATM 101 H  H4  . GCU A 1 . ? -1.558 7.171   -4.876 1.00 0.00 ? 5  GCU A H4  1 
HETATM 102 H  H5  . GCU A 1 . ? -3.325 5.370   -3.137 1.00 0.00 ? 5  GCU A H5  1 
HETATM 103 C  C1  . NAG A 1 . ? -3.416 8.657   -5.253 1.00 0.00 ? 6  NAG A C1  1 
HETATM 104 C  C2  . NAG A 1 . ? -4.692 9.488   -5.174 1.00 0.00 ? 6  NAG A C2  1 
HETATM 105 C  C3  . NAG A 1 . ? -4.689 10.575  -6.239 1.00 0.00 ? 6  NAG A C3  1 
HETATM 106 C  C4  . NAG A 1 . ? -3.413 11.400  -6.143 1.00 0.00 ? 6  NAG A C4  1 
HETATM 107 C  C5  . NAG A 1 . ? -2.193 10.485  -6.160 1.00 0.00 ? 6  NAG A C5  1 
HETATM 108 C  C6  . NAG A 1 . ? -0.895 11.239  -5.954 1.00 0.00 ? 6  NAG A C6  1 
HETATM 109 C  C7  . NAG A 1 . ? -7.000 8.847   -4.594 1.00 0.00 ? 6  NAG A C7  1 
HETATM 110 C  C8  . NAG A 1 . ? -8.114 7.865   -4.862 1.00 0.00 ? 6  NAG A C8  1 
HETATM 111 N  N2  . NAG A 1 . ? -5.864 8.597   -5.337 1.00 0.00 ? 6  NAG A N2  1 
HETATM 112 O  O4  . NAG A 1 . ? -3.320 12.301  -7.245 1.00 0.00 ? 6  NAG A O4  1 
HETATM 113 O  O5  . NAG A 1 . ? -2.285 9.517   -5.103 1.00 0.00 ? 6  NAG A O5  1 
HETATM 114 O  O6  . NAG A 1 . ? -1.121 12.607  -5.623 1.00 0.00 ? 6  NAG A O6  1 
HETATM 115 O  O7  . NAG A 1 . ? -7.098 9.770   -3.801 1.00 0.00 ? 6  NAG A O7  1 
HETATM 116 H  H1  . NAG A 1 . ? -3.367 8.152   -6.229 1.00 0.00 ? 6  NAG A H1  1 
HETATM 117 H  H2  . NAG A 1 . ? -4.772 9.947   -4.177 1.00 0.00 ? 6  NAG A H2  1 
HETATM 118 H  H3  . NAG A 1 . ? -4.757 10.114  -7.235 1.00 0.00 ? 6  NAG A H3  1 
HETATM 119 H  H4  . NAG A 1 . ? -3.421 11.985  -5.212 1.00 0.00 ? 6  NAG A H4  1 
HETATM 120 H  H5  . NAG A 1 . ? -2.134 9.970   -7.131 1.00 0.00 ? 6  NAG A H5  1 
HETATM 121 H  H61 . NAG A 1 . ? -0.327 10.776  -5.134 1.00 0.00 ? 6  NAG A H61 1 
HETATM 122 H  H62 . NAG A 1 . ? -0.299 11.202  -6.878 1.00 0.00 ? 6  NAG A H62 1 
HETATM 123 H  H81 . NAG A 1 . ? -8.694 8.193   -5.736 1.00 0.00 ? 6  NAG A H81 1 
HETATM 124 H  H82 . NAG A 1 . ? -7.687 6.869   -5.058 1.00 0.00 ? 6  NAG A H82 1 
HETATM 125 H  H83 . NAG A 1 . ? -8.775 7.810   -3.981 1.00 0.00 ? 6  NAG A H83 1 
HETATM 126 H  HN2 . NAG A 1 . ? -5.826 7.869   -5.943 1.00 0.00 ? 6  NAG A HN2 1 
HETATM 127 CA CA  . CA  B 2 . ? -4.006 1.600   -4.052 0.50 0.00 ? 7  CA  A CA  1 
HETATM 128 CA CA  . CA  C 2 . ? 3.341  -0.462  5.446  0.50 0.00 ? 8  CA  A CA  1 
HETATM 129 CA CA  . CA  D 2 . ? 7.552  -11.744 4.302  0.50 0.00 ? 9  CA  A CA  1 
HETATM 130 O  O   . HOH E 3 . ? -5.454 3.331   -2.865 1.00 0.00 ? 10 HOH A O   1 
HETATM 131 O  O   . HOH E 3 . ? 4.750  1.223   4.308  1.00 0.00 ? 11 HOH A O   1 
HETATM 132 O  O   . HOH E 3 . ? 6.367  -12.294 1.979  1.00 0.00 ? 12 HOH A O   1 
HETATM 133 O  O   . HOH E 3 . ? -2.872 -0.149  -5.450 1.00 0.00 ? 13 HOH A O   1 
HETATM 134 O  O   . HOH E 3 . ? 4.184  -2.760  4.663  1.00 0.00 ? 14 HOH A O   1 
HETATM 135 O  O   . HOH E 3 . ? 5.706  -11.908 5.883  1.00 0.00 ? 15 HOH A O   1 
HETATM 136 O  O   . HOH E 3 . ? -3.189 2.582   -1.884 1.00 0.00 ? 16 HOH A O   1 
HETATM 137 O  O   . HOH E 3 . ? 0.799  -0.251  5.276  1.00 0.00 ? 17 HOH A O   1 
HETATM 138 O  O   . HOH E 3 . ? 7.526  -9.569  3.038  1.00 0.00 ? 18 HOH A O   1 
# 
